data_1CR2
#
_entry.id   1CR2
#
_cell.length_a   80.172
_cell.length_b   80.172
_cell.length_c   85.709
_cell.angle_alpha   90.00
_cell.angle_beta   90.00
_cell.angle_gamma   120.00
#
_symmetry.space_group_name_H-M   'P 61'
#
loop_
_entity.id
_entity.type
_entity.pdbx_description
1 polymer 'DNA PRIMASE/HELICASE'
2 non-polymer 'SULFATE ION'
3 non-polymer "2'-DEOXYADENOSINE 5'-TRIPHOSPHATE"
4 water water
#
_entity_poly.entity_id   1
_entity_poly.type   'polypeptide(L)'
_entity_poly.pdbx_seq_one_letter_code
;MRERIREHLSSEESVGLLFSGCTGINDKTLGARGGEVIMVTSGSGMGKSTFVRQQALQWGTAMGKKVGLAMLEESVEETA
EDLIGLHNRVRLRQSDSLKREIIENGKFDQWFDELFGNDTFHLYDSFAEAETDRLLAKLAYMRSGLGCDVIILDHISIVV
SASGESDERKMIDNLMTKLKGFAKSTGVVLVVICHLKNPDKGKAHEEGRPVSITDLRGSGALRQLSDTIIALERNQQGDM
PNLVLVRILKCRFTGDTGIAGYMEYNKETGWLEPSSYSGEEESHSESTDWSNDTDF
;
_entity_poly.pdbx_strand_id   A
#
loop_
_chem_comp.id
_chem_comp.type
_chem_comp.name
_chem_comp.formula
DTP non-polymer '2'-DEOXYADENOSINE 5'-TRIPHOSPHATE' 'C10 H16 N5 O12 P3'
SO4 non-polymer 'SULFATE ION' 'O4 S -2'
#
# COMPACT_ATOMS: atom_id res chain seq x y z
N MET A 1 33.02 -16.97 13.68
CA MET A 1 31.96 -15.97 13.97
C MET A 1 32.35 -14.57 13.43
N ARG A 2 33.60 -14.16 13.65
CA ARG A 2 34.05 -12.85 13.16
C ARG A 2 33.62 -12.62 11.68
N GLU A 3 34.19 -13.41 10.75
CA GLU A 3 33.86 -13.35 9.33
C GLU A 3 32.36 -13.66 9.09
N ARG A 4 31.81 -14.44 9.98
CA ARG A 4 30.41 -14.83 9.96
C ARG A 4 29.51 -13.57 10.25
N ILE A 5 29.94 -12.75 11.20
CA ILE A 5 29.23 -11.52 11.58
C ILE A 5 29.45 -10.41 10.53
N ARG A 6 30.67 -10.31 10.05
CA ARG A 6 31.03 -9.33 9.05
C ARG A 6 30.10 -9.41 7.82
N GLU A 7 30.10 -10.56 7.16
CA GLU A 7 29.24 -10.77 5.99
C GLU A 7 27.76 -10.51 6.38
N HIS A 8 27.44 -10.82 7.61
CA HIS A 8 26.10 -10.60 8.11
C HIS A 8 25.81 -9.08 8.17
N LEU A 9 26.77 -8.34 8.66
CA LEU A 9 26.67 -6.90 8.77
C LEU A 9 26.64 -6.21 7.38
N SER A 10 27.41 -6.74 6.44
CA SER A 10 27.47 -6.13 5.11
C SER A 10 26.54 -6.79 4.07
N SER A 11 25.34 -7.16 4.51
CA SER A 11 24.36 -7.82 3.65
C SER A 11 22.92 -7.74 4.21
N GLU A 12 22.78 -7.07 5.32
CA GLU A 12 21.50 -6.89 6.00
C GLU A 12 20.77 -5.63 5.51
N GLU A 13 19.58 -5.80 4.94
CA GLU A 13 18.79 -4.68 4.44
C GLU A 13 17.93 -4.09 5.57
N SER A 14 18.43 -3.06 6.23
CA SER A 14 17.69 -2.47 7.32
C SER A 14 16.64 -1.50 6.82
N VAL A 15 17.02 -0.70 5.85
CA VAL A 15 16.11 0.29 5.25
C VAL A 15 15.37 -0.32 4.03
N GLY A 16 14.02 -0.40 4.11
CA GLY A 16 13.22 -0.95 3.01
C GLY A 16 12.71 0.17 2.09
N LEU A 17 11.64 -0.13 1.35
CA LEU A 17 11.03 0.84 0.47
C LEU A 17 10.60 2.05 1.31
N LEU A 18 11.06 3.24 0.95
CA LEU A 18 10.72 4.45 1.70
C LEU A 18 9.28 4.89 1.48
N PHE A 19 8.58 5.29 2.57
CA PHE A 19 7.22 5.80 2.45
C PHE A 19 7.33 7.27 1.98
N SER A 20 6.20 7.90 1.59
CA SER A 20 6.23 9.28 1.11
C SER A 20 5.08 10.11 1.68
N GLY A 21 5.26 11.45 1.73
CA GLY A 21 4.15 12.28 2.21
C GLY A 21 4.07 12.53 3.71
N CYS A 22 4.71 11.71 4.50
CA CYS A 22 4.64 11.93 5.94
C CYS A 22 6.01 12.02 6.60
N THR A 23 6.52 13.23 6.76
CA THR A 23 7.82 13.42 7.43
C THR A 23 7.79 12.76 8.83
N GLY A 24 8.44 11.59 8.99
CA GLY A 24 8.42 10.92 10.28
C GLY A 24 8.17 9.41 10.17
N ILE A 25 7.37 9.01 9.21
CA ILE A 25 7.07 7.58 9.02
C ILE A 25 8.37 6.75 8.87
N ASN A 26 9.24 7.21 8.00
CA ASN A 26 10.50 6.56 7.74
C ASN A 26 11.42 6.55 8.98
N ASP A 27 11.31 7.59 9.77
CA ASP A 27 12.11 7.71 10.96
C ASP A 27 11.77 6.59 11.94
N LYS A 28 10.50 6.33 12.08
CA LYS A 28 10.03 5.33 13.03
C LYS A 28 9.94 3.92 12.46
N THR A 29 10.10 3.77 11.17
CA THR A 29 9.94 2.44 10.59
C THR A 29 11.11 2.02 9.73
N LEU A 30 11.82 2.98 9.18
CA LEU A 30 12.93 2.65 8.30
C LEU A 30 12.41 2.12 6.94
N GLY A 31 11.14 2.37 6.63
CA GLY A 31 10.54 1.94 5.36
C GLY A 31 10.00 0.51 5.44
N ALA A 32 9.50 0.02 4.30
CA ALA A 32 8.93 -1.32 4.19
C ALA A 32 9.97 -2.33 3.63
N ARG A 33 10.35 -3.34 4.42
CA ARG A 33 11.32 -4.32 3.98
C ARG A 33 10.62 -5.50 3.29
N GLY A 34 11.32 -6.25 2.42
CA GLY A 34 10.67 -7.40 1.77
C GLY A 34 10.46 -8.55 2.78
N GLY A 35 9.33 -9.26 2.70
CA GLY A 35 9.08 -10.35 3.62
C GLY A 35 8.18 -9.94 4.80
N GLU A 36 7.95 -8.65 4.93
CA GLU A 36 7.12 -8.11 5.99
C GLU A 36 5.73 -7.79 5.50
N VAL A 37 4.76 -7.82 6.41
CA VAL A 37 3.38 -7.49 6.06
C VAL A 37 3.08 -6.17 6.69
N ILE A 38 2.63 -5.18 5.90
CA ILE A 38 2.34 -3.87 6.47
C ILE A 38 0.85 -3.72 6.63
N MET A 39 0.40 -3.42 7.84
CA MET A 39 -1.02 -3.25 8.05
C MET A 39 -1.33 -1.77 8.14
N VAL A 40 -2.29 -1.35 7.37
CA VAL A 40 -2.69 0.03 7.40
C VAL A 40 -4.15 0.06 7.81
N THR A 41 -4.48 0.75 8.89
CA THR A 41 -5.87 0.73 9.37
C THR A 41 -6.38 2.09 9.85
N SER A 42 -7.68 2.15 10.19
CA SER A 42 -8.34 3.38 10.64
C SER A 42 -9.84 3.25 10.36
N GLY A 43 -10.69 4.17 10.85
CA GLY A 43 -12.14 4.04 10.57
C GLY A 43 -12.47 4.16 9.05
N SER A 44 -13.64 3.67 8.65
CA SER A 44 -14.08 3.75 7.24
C SER A 44 -14.02 5.20 6.73
N GLY A 45 -13.72 5.38 5.44
CA GLY A 45 -13.66 6.72 4.86
C GLY A 45 -12.56 7.62 5.48
N MET A 46 -11.79 7.09 6.41
CA MET A 46 -10.73 7.85 7.03
C MET A 46 -9.47 8.09 6.13
N GLY A 47 -9.33 7.38 4.99
CA GLY A 47 -8.18 7.65 4.11
C GLY A 47 -7.12 6.53 3.90
N LYS A 48 -7.42 5.32 4.32
CA LYS A 48 -6.48 4.18 4.14
C LYS A 48 -6.03 4.02 2.65
N SER A 49 -7.01 3.78 1.81
CA SER A 49 -6.83 3.57 0.37
C SER A 49 -6.01 4.66 -0.32
N THR A 50 -6.40 5.88 -0.09
CA THR A 50 -5.69 7.00 -0.67
C THR A 50 -4.21 6.90 -0.32
N PHE A 51 -3.95 6.85 0.97
CA PHE A 51 -2.60 6.75 1.53
C PHE A 51 -1.79 5.61 0.90
N VAL A 52 -2.39 4.45 0.84
CA VAL A 52 -1.71 3.31 0.26
C VAL A 52 -1.53 3.46 -1.23
N ARG A 53 -2.53 4.01 -1.90
CA ARG A 53 -2.50 4.25 -3.34
C ARG A 53 -1.36 5.23 -3.69
N GLN A 54 -1.21 6.22 -2.85
CA GLN A 54 -0.17 7.21 -2.97
C GLN A 54 1.23 6.57 -2.89
N GLN A 55 1.41 5.67 -1.92
CA GLN A 55 2.67 4.94 -1.74
C GLN A 55 2.89 4.02 -2.94
N ALA A 56 1.82 3.40 -3.38
CA ALA A 56 1.87 2.52 -4.51
C ALA A 56 2.35 3.25 -5.77
N LEU A 57 1.80 4.43 -5.97
CA LEU A 57 2.13 5.28 -7.11
C LEU A 57 3.62 5.67 -7.12
N GLN A 58 4.14 6.07 -5.97
CA GLN A 58 5.54 6.45 -5.84
C GLN A 58 6.51 5.24 -6.00
N TRP A 59 6.24 4.19 -5.26
CA TRP A 59 7.05 3.00 -5.34
C TRP A 59 7.20 2.55 -6.80
N GLY A 60 6.09 2.49 -7.49
CA GLY A 60 6.04 2.05 -8.88
C GLY A 60 6.57 3.09 -9.89
N THR A 61 6.33 4.37 -9.67
CA THR A 61 6.83 5.37 -10.60
C THR A 61 8.26 5.85 -10.30
N ALA A 62 8.49 6.27 -9.07
CA ALA A 62 9.78 6.79 -8.67
C ALA A 62 10.81 5.71 -8.27
N MET A 63 10.40 4.75 -7.49
CA MET A 63 11.31 3.71 -7.04
C MET A 63 11.59 2.61 -8.09
N GLY A 64 10.89 2.63 -9.20
CA GLY A 64 11.07 1.63 -10.25
C GLY A 64 10.66 0.19 -9.85
N LYS A 65 9.77 0.08 -8.89
CA LYS A 65 9.28 -1.22 -8.45
C LYS A 65 7.98 -1.58 -9.20
N LYS A 66 7.68 -2.88 -9.31
CA LYS A 66 6.45 -3.34 -9.95
C LYS A 66 5.42 -3.54 -8.83
N VAL A 67 4.30 -2.86 -8.90
CA VAL A 67 3.32 -2.96 -7.80
C VAL A 67 2.07 -3.71 -8.21
N GLY A 68 1.64 -4.66 -7.39
CA GLY A 68 0.41 -5.36 -7.70
C GLY A 68 -0.67 -4.88 -6.73
N LEU A 69 -1.86 -4.66 -7.23
CA LEU A 69 -2.94 -4.21 -6.37
C LEU A 69 -4.11 -5.17 -6.48
N ALA A 70 -4.45 -5.83 -5.37
CA ALA A 70 -5.55 -6.77 -5.39
C ALA A 70 -6.72 -6.18 -4.66
N MET A 71 -7.79 -5.84 -5.39
CA MET A 71 -8.96 -5.20 -4.78
C MET A 71 -10.08 -6.20 -4.49
N LEU A 72 -10.54 -6.25 -3.22
CA LEU A 72 -11.62 -7.15 -2.78
C LEU A 72 -13.02 -6.47 -2.90
N GLU A 73 -13.01 -5.17 -2.73
CA GLU A 73 -14.22 -4.35 -2.76
C GLU A 73 -14.47 -3.67 -4.11
N GLU A 74 -13.69 -2.64 -4.41
CA GLU A 74 -13.85 -1.92 -5.66
C GLU A 74 -13.29 -2.66 -6.89
N SER A 75 -13.63 -2.15 -8.08
CA SER A 75 -13.21 -2.75 -9.33
C SER A 75 -11.88 -2.14 -9.85
N VAL A 76 -11.31 -2.77 -10.88
CA VAL A 76 -10.07 -2.31 -11.50
C VAL A 76 -10.25 -0.91 -12.10
N GLU A 77 -11.32 -0.73 -12.82
CA GLU A 77 -11.66 0.54 -13.43
C GLU A 77 -11.65 1.69 -12.37
N GLU A 78 -12.27 1.43 -11.25
CA GLU A 78 -12.35 2.39 -10.17
C GLU A 78 -10.93 2.71 -9.67
N THR A 79 -10.19 1.66 -9.36
CA THR A 79 -8.80 1.79 -8.90
C THR A 79 -7.96 2.53 -9.94
N ALA A 80 -8.11 2.15 -11.17
CA ALA A 80 -7.36 2.77 -12.24
C ALA A 80 -7.69 4.27 -12.33
N GLU A 81 -8.95 4.55 -12.20
CA GLU A 81 -9.41 5.93 -12.23
C GLU A 81 -8.68 6.75 -11.17
N ASP A 82 -8.64 6.22 -9.96
CA ASP A 82 -7.97 6.85 -8.83
C ASP A 82 -6.45 7.03 -9.08
N LEU A 83 -5.83 5.98 -9.57
CA LEU A 83 -4.40 6.01 -9.87
C LEU A 83 -4.07 7.10 -10.91
N ILE A 84 -4.82 7.08 -12.01
CA ILE A 84 -4.69 8.04 -13.12
C ILE A 84 -4.88 9.48 -12.62
N GLY A 85 -5.92 9.69 -11.85
CA GLY A 85 -6.17 10.99 -11.30
C GLY A 85 -5.01 11.41 -10.39
N LEU A 86 -4.65 10.52 -9.48
CA LEU A 86 -3.54 10.76 -8.58
C LEU A 86 -2.28 11.18 -9.37
N HIS A 87 -1.89 10.35 -10.29
CA HIS A 87 -0.73 10.65 -11.08
C HIS A 87 -0.75 12.06 -11.71
N ASN A 88 -1.93 12.51 -12.11
CA ASN A 88 -2.10 13.81 -12.74
C ASN A 88 -2.59 14.87 -11.78
N ARG A 89 -2.44 14.59 -10.51
CA ARG A 89 -2.85 15.51 -9.49
C ARG A 89 -4.25 16.08 -9.71
N VAL A 90 -5.19 15.22 -10.05
CA VAL A 90 -6.57 15.61 -10.30
C VAL A 90 -7.52 14.50 -9.84
N ARG A 91 -8.69 14.91 -9.39
CA ARG A 91 -9.69 13.97 -8.92
C ARG A 91 -10.75 13.69 -9.99
N LEU A 92 -10.52 12.69 -10.79
CA LEU A 92 -11.43 12.33 -11.87
C LEU A 92 -12.88 12.06 -11.38
N ARG A 93 -13.02 11.35 -10.27
CA ARG A 93 -14.35 11.02 -9.75
C ARG A 93 -15.21 12.24 -9.39
N GLN A 94 -14.59 13.29 -8.96
CA GLN A 94 -15.31 14.48 -8.52
C GLN A 94 -15.67 15.45 -9.65
N SER A 95 -15.55 15.04 -10.89
CA SER A 95 -15.79 15.97 -11.97
C SER A 95 -16.21 15.29 -13.28
N ASP A 96 -17.51 15.29 -13.53
CA ASP A 96 -18.00 14.70 -14.76
C ASP A 96 -17.39 15.44 -15.98
N SER A 97 -17.18 16.71 -15.77
CA SER A 97 -16.62 17.61 -16.75
C SER A 97 -15.22 17.16 -17.24
N LEU A 98 -14.28 17.14 -16.33
CA LEU A 98 -12.93 16.74 -16.65
C LEU A 98 -12.91 15.34 -17.28
N LYS A 99 -13.74 14.46 -16.74
CA LYS A 99 -13.83 13.11 -17.25
C LYS A 99 -14.16 13.08 -18.75
N ARG A 100 -15.15 13.88 -19.15
CA ARG A 100 -15.58 13.95 -20.56
C ARG A 100 -14.57 14.70 -21.44
N GLU A 101 -13.96 15.70 -20.85
CA GLU A 101 -12.94 16.48 -21.52
C GLU A 101 -11.69 15.61 -21.84
N ILE A 102 -11.28 14.80 -20.87
CA ILE A 102 -10.11 13.94 -20.99
C ILE A 102 -10.20 12.89 -22.14
N ILE A 103 -11.42 12.49 -22.48
CA ILE A 103 -11.61 11.51 -23.55
C ILE A 103 -11.40 12.13 -24.96
N GLU A 104 -12.14 13.18 -25.23
CA GLU A 104 -12.04 13.87 -26.51
C GLU A 104 -10.64 14.52 -26.71
N ASN A 105 -10.16 15.19 -25.67
CA ASN A 105 -8.87 15.87 -25.67
C ASN A 105 -7.72 14.88 -25.99
N GLY A 106 -7.98 13.60 -25.86
CA GLY A 106 -6.96 12.60 -26.12
C GLY A 106 -5.98 12.46 -24.95
N LYS A 107 -6.20 13.23 -23.90
CA LYS A 107 -5.35 13.17 -22.71
C LYS A 107 -5.50 11.83 -21.96
N PHE A 108 -6.72 11.29 -21.91
CA PHE A 108 -6.94 10.01 -21.25
C PHE A 108 -5.96 8.95 -21.78
N ASP A 109 -6.00 8.74 -23.08
CA ASP A 109 -5.12 7.80 -23.72
C ASP A 109 -3.64 8.13 -23.38
N GLN A 110 -3.27 9.38 -23.50
CA GLN A 110 -1.92 9.79 -23.16
C GLN A 110 -1.60 9.51 -21.67
N TRP A 111 -2.56 9.80 -20.81
CA TRP A 111 -2.41 9.59 -19.37
C TRP A 111 -2.34 8.09 -19.03
N PHE A 112 -3.18 7.31 -19.68
CA PHE A 112 -3.19 5.87 -19.49
C PHE A 112 -1.82 5.24 -19.84
N ASP A 113 -1.31 5.61 -20.98
CA ASP A 113 -0.02 5.09 -21.42
C ASP A 113 1.14 5.60 -20.53
N GLU A 114 1.06 6.84 -20.12
CA GLU A 114 2.11 7.40 -19.29
C GLU A 114 2.18 6.71 -17.91
N LEU A 115 1.10 6.09 -17.52
CA LEU A 115 1.05 5.40 -16.23
C LEU A 115 1.16 3.88 -16.36
N PHE A 116 0.33 3.32 -17.22
CA PHE A 116 0.27 1.89 -17.44
C PHE A 116 1.08 1.41 -18.66
N GLY A 117 1.64 2.32 -19.42
CA GLY A 117 2.40 1.95 -20.61
C GLY A 117 3.34 0.77 -20.33
N ASN A 118 4.25 0.98 -19.39
CA ASN A 118 5.20 -0.03 -18.97
C ASN A 118 4.44 -1.13 -18.20
N ASP A 119 5.17 -2.14 -17.75
CA ASP A 119 4.54 -3.19 -16.99
C ASP A 119 4.82 -2.95 -15.50
N THR A 120 4.44 -1.80 -15.01
CA THR A 120 4.74 -1.43 -13.61
C THR A 120 3.64 -1.77 -12.60
N PHE A 121 2.42 -1.47 -12.96
CA PHE A 121 1.29 -1.71 -12.11
C PHE A 121 0.43 -2.91 -12.58
N HIS A 122 -0.05 -3.71 -11.62
CA HIS A 122 -0.88 -4.87 -11.96
C HIS A 122 -2.15 -4.85 -11.09
N LEU A 123 -3.28 -4.41 -11.64
CA LEU A 123 -4.54 -4.33 -10.87
C LEU A 123 -5.41 -5.56 -11.06
N TYR A 124 -5.86 -6.17 -9.97
CA TYR A 124 -6.73 -7.34 -10.10
C TYR A 124 -7.89 -7.21 -9.16
N ASP A 125 -9.10 -7.48 -9.67
CA ASP A 125 -10.26 -7.40 -8.81
C ASP A 125 -10.97 -8.75 -8.75
N SER A 126 -12.27 -8.77 -8.43
CA SER A 126 -12.96 -10.06 -8.44
C SER A 126 -12.42 -11.08 -7.40
N PHE A 127 -12.44 -10.65 -6.16
CA PHE A 127 -12.01 -11.44 -5.03
C PHE A 127 -13.13 -11.41 -3.98
N GLU A 129 -15.42 -13.38 -3.58
CA GLU A 129 -15.62 -14.69 -3.01
C GLU A 129 -14.82 -14.78 -1.70
N ALA A 130 -15.30 -15.60 -0.77
CA ALA A 130 -14.62 -15.73 0.51
C ALA A 130 -13.56 -16.86 0.55
N GLU A 131 -12.79 -17.05 -0.52
CA GLU A 131 -11.80 -18.12 -0.51
C GLU A 131 -10.36 -17.62 -0.46
N THR A 132 -9.71 -17.94 0.63
CA THR A 132 -8.34 -17.57 0.89
C THR A 132 -7.35 -18.20 -0.09
N ASP A 133 -7.53 -19.46 -0.29
CA ASP A 133 -6.70 -20.23 -1.18
C ASP A 133 -6.79 -19.75 -2.65
N ARG A 134 -7.95 -19.35 -3.05
CA ARG A 134 -8.11 -18.80 -4.37
C ARG A 134 -7.35 -17.45 -4.43
N LEU A 135 -7.36 -16.75 -3.32
CA LEU A 135 -6.69 -15.45 -3.17
C LEU A 135 -5.18 -15.60 -3.11
N LEU A 136 -4.71 -16.46 -2.27
CA LEU A 136 -3.29 -16.72 -2.13
C LEU A 136 -2.67 -17.14 -3.49
N ALA A 137 -3.39 -17.98 -4.23
CA ALA A 137 -2.94 -18.43 -5.54
C ALA A 137 -2.68 -17.24 -6.48
N LYS A 138 -3.59 -16.29 -6.48
CA LYS A 138 -3.45 -15.10 -7.31
C LYS A 138 -2.31 -14.21 -6.81
N LEU A 139 -2.16 -14.11 -5.52
CA LEU A 139 -1.11 -13.32 -4.95
C LEU A 139 0.26 -13.88 -5.40
N ALA A 140 0.44 -15.16 -5.19
CA ALA A 140 1.67 -15.86 -5.56
C ALA A 140 1.99 -15.71 -7.06
N TYR A 141 0.97 -15.60 -7.89
CA TYR A 141 1.16 -15.42 -9.31
C TYR A 141 1.60 -13.97 -9.59
N MET A 142 1.03 -13.03 -8.89
CA MET A 142 1.40 -11.63 -9.05
C MET A 142 2.91 -11.44 -8.72
N ARG A 143 3.40 -12.26 -7.80
CA ARG A 143 4.80 -12.24 -7.35
C ARG A 143 5.74 -12.94 -8.37
N SER A 144 5.56 -14.23 -8.46
CA SER A 144 6.31 -15.11 -9.35
C SER A 144 6.15 -14.79 -10.85
N GLY A 145 4.91 -14.74 -11.30
CA GLY A 145 4.60 -14.49 -12.70
C GLY A 145 4.72 -13.01 -13.15
N LEU A 146 4.13 -12.09 -12.39
CA LEU A 146 4.18 -10.67 -12.75
C LEU A 146 5.39 -9.95 -12.11
N GLY A 147 6.14 -10.66 -11.28
CA GLY A 147 7.31 -10.11 -10.60
C GLY A 147 7.05 -8.85 -9.74
N CYS A 148 5.90 -8.76 -9.13
CA CYS A 148 5.61 -7.62 -8.28
C CYS A 148 6.58 -7.57 -7.09
N ASP A 149 7.02 -6.37 -6.73
CA ASP A 149 7.88 -6.20 -5.59
C ASP A 149 6.99 -5.97 -4.34
N VAL A 150 5.88 -5.28 -4.58
CA VAL A 150 4.92 -4.94 -3.54
C VAL A 150 3.52 -5.40 -3.95
N ILE A 151 2.76 -5.93 -2.99
CA ILE A 151 1.40 -6.33 -3.29
C ILE A 151 0.50 -5.72 -2.25
N ILE A 152 -0.49 -4.98 -2.70
CA ILE A 152 -1.38 -4.33 -1.76
C ILE A 152 -2.70 -5.05 -1.79
N LEU A 153 -3.23 -5.35 -0.62
CA LEU A 153 -4.48 -6.09 -0.55
C LEU A 153 -5.55 -5.20 0.04
N ASP A 154 -6.46 -4.77 -0.80
CA ASP A 154 -7.48 -3.83 -0.35
C ASP A 154 -8.88 -4.38 -0.60
N HIS A 155 -9.59 -4.83 0.42
CA HIS A 155 -9.11 -4.84 1.79
C HIS A 155 -9.76 -5.97 2.59
N ILE A 156 -9.70 -5.87 3.91
CA ILE A 156 -10.25 -6.91 4.77
C ILE A 156 -10.98 -6.29 5.98
N SER A 157 -11.98 -6.99 6.50
CA SER A 157 -12.73 -6.49 7.65
C SER A 157 -12.59 -7.43 8.86
N ILE A 158 -12.25 -6.88 10.04
CA ILE A 158 -12.08 -7.70 11.26
C ILE A 158 -13.37 -8.52 11.57
N ARG A 169 -13.10 -15.73 13.71
CA ARG A 169 -11.69 -15.35 13.43
C ARG A 169 -10.95 -16.42 12.61
N LYS A 170 -11.39 -17.71 12.65
CA LYS A 170 -10.70 -18.76 11.83
C LYS A 170 -10.23 -18.14 10.51
N MET A 171 -11.21 -17.80 9.68
CA MET A 171 -11.00 -17.16 8.38
C MET A 171 -9.83 -16.14 8.46
N ILE A 172 -10.13 -14.98 9.02
CA ILE A 172 -9.15 -13.90 9.25
C ILE A 172 -7.76 -14.42 9.77
N ASP A 173 -7.80 -15.24 10.80
CA ASP A 173 -6.61 -15.82 11.40
C ASP A 173 -5.78 -16.65 10.37
N ASN A 174 -6.44 -17.59 9.73
CA ASN A 174 -5.84 -18.45 8.71
C ASN A 174 -5.34 -17.62 7.51
N LEU A 175 -6.11 -16.61 7.14
CA LEU A 175 -5.76 -15.72 6.04
C LEU A 175 -4.48 -14.93 6.38
N MET A 176 -4.50 -14.29 7.54
CA MET A 176 -3.36 -13.55 7.99
C MET A 176 -2.13 -14.47 8.12
N THR A 177 -2.36 -15.67 8.61
CA THR A 177 -1.27 -16.62 8.78
C THR A 177 -0.73 -17.07 7.41
N LYS A 178 -1.61 -17.16 6.46
CA LYS A 178 -1.21 -17.52 5.10
C LYS A 178 -0.57 -16.30 4.38
N LEU A 179 -1.03 -15.11 4.72
CA LEU A 179 -0.51 -13.90 4.14
C LEU A 179 0.94 -13.65 4.59
N LYS A 180 1.17 -13.79 5.87
CA LYS A 180 2.49 -13.62 6.45
C LYS A 180 3.46 -14.69 5.92
N GLY A 181 2.99 -15.92 5.80
CA GLY A 181 3.80 -17.02 5.29
C GLY A 181 4.22 -16.72 3.84
N PHE A 182 3.26 -16.27 3.07
CA PHE A 182 3.49 -15.89 1.69
C PHE A 182 4.54 -14.77 1.62
N ALA A 183 4.35 -13.75 2.45
CA ALA A 183 5.25 -12.62 2.49
C ALA A 183 6.68 -13.02 2.91
N LYS A 184 6.76 -13.75 3.99
CA LYS A 184 8.05 -14.20 4.50
C LYS A 184 8.79 -15.14 3.53
N SER A 185 8.08 -16.03 2.90
CA SER A 185 8.71 -16.99 2.01
C SER A 185 9.16 -16.45 0.63
N THR A 186 8.45 -15.49 0.10
CA THR A 186 8.80 -14.91 -1.20
C THR A 186 9.68 -13.65 -1.06
N GLY A 187 9.49 -12.93 0.01
CA GLY A 187 10.24 -11.72 0.21
C GLY A 187 9.55 -10.49 -0.40
N VAL A 188 8.34 -10.66 -0.90
CA VAL A 188 7.62 -9.51 -1.46
C VAL A 188 7.19 -8.62 -0.29
N VAL A 189 6.82 -7.37 -0.57
CA VAL A 189 6.32 -6.53 0.52
C VAL A 189 4.80 -6.55 0.42
N LEU A 190 4.13 -7.01 1.47
CA LEU A 190 2.69 -7.11 1.45
C LEU A 190 2.06 -6.05 2.31
N VAL A 191 1.23 -5.23 1.73
CA VAL A 191 0.58 -4.24 2.54
C VAL A 191 -0.88 -4.51 2.48
N VAL A 192 -1.44 -4.73 3.64
CA VAL A 192 -2.83 -5.07 3.71
C VAL A 192 -3.56 -3.97 4.42
N ILE A 193 -4.70 -3.62 3.86
CA ILE A 193 -5.53 -2.58 4.43
C ILE A 193 -6.64 -3.27 5.16
N CYS A 194 -6.89 -2.84 6.34
CA CYS A 194 -7.94 -3.50 7.05
C CYS A 194 -8.87 -2.47 7.69
N HIS A 195 -10.19 -2.75 7.86
CA HIS A 195 -11.14 -1.78 8.52
C HIS A 195 -11.23 -1.97 10.03
N LEU A 196 -11.26 -0.85 10.82
CA LEU A 196 -11.43 -0.88 12.30
C LEU A 196 -12.83 -0.34 12.76
N LYS A 197 -13.81 -1.23 12.96
CA LYS A 197 -15.15 -0.80 13.42
C LYS A 197 -15.37 -1.18 14.90
N SER A 219 -7.08 -7.01 15.10
CA SER A 219 -7.58 -8.14 15.95
C SER A 219 -6.47 -9.18 16.24
N GLY A 220 -6.87 -10.42 16.61
CA GLY A 220 -5.95 -11.51 17.00
C GLY A 220 -4.62 -11.63 16.21
N ALA A 221 -4.65 -12.44 15.16
CA ALA A 221 -3.47 -12.64 14.34
C ALA A 221 -3.06 -11.31 13.63
N LEU A 222 -4.04 -10.43 13.43
CA LEU A 222 -3.81 -9.14 12.81
C LEU A 222 -2.63 -8.42 13.46
N ARG A 223 -2.74 -8.21 14.75
CA ARG A 223 -1.67 -7.54 15.49
C ARG A 223 -0.40 -8.42 15.57
N GLN A 224 -0.59 -9.71 15.74
CA GLN A 224 0.51 -10.65 15.87
C GLN A 224 1.31 -10.88 14.58
N LEU A 225 0.64 -11.29 13.53
CA LEU A 225 1.29 -11.58 12.25
C LEU A 225 1.82 -10.33 11.47
N SER A 226 1.22 -9.18 11.70
CA SER A 226 1.66 -7.96 11.03
C SER A 226 3.04 -7.50 11.57
N ASP A 227 3.93 -7.06 10.69
CA ASP A 227 5.25 -6.61 11.15
C ASP A 227 5.24 -5.14 11.57
N THR A 228 4.45 -4.36 10.87
CA THR A 228 4.29 -2.94 11.11
C THR A 228 2.84 -2.56 10.91
N ILE A 229 2.29 -1.79 11.82
CA ILE A 229 0.89 -1.41 11.71
C ILE A 229 0.78 0.10 11.73
N ILE A 230 0.16 0.64 10.70
CA ILE A 230 0.02 2.08 10.59
C ILE A 230 -1.45 2.43 10.71
N ALA A 231 -1.75 3.39 11.59
CA ALA A 231 -3.14 3.83 11.79
C ALA A 231 -3.28 5.31 11.44
N LEU A 232 -4.33 5.66 10.70
CA LEU A 232 -4.54 7.05 10.35
C LEU A 232 -5.67 7.61 11.23
N GLU A 233 -5.50 8.81 11.78
CA GLU A 233 -6.56 9.34 12.65
C GLU A 233 -6.98 10.76 12.22
N ARG A 234 -8.29 11.06 12.27
CA ARG A 234 -8.75 12.38 11.85
C ARG A 234 -9.92 12.93 12.67
N ASN A 235 -9.77 14.16 13.19
CA ASN A 235 -10.83 14.81 13.98
C ASN A 235 -11.37 14.01 15.19
N ASN A 242 -8.91 17.78 7.09
CA ASN A 242 -7.93 17.00 6.28
C ASN A 242 -6.54 16.86 6.95
N LEU A 243 -6.48 17.16 8.24
CA LEU A 243 -5.22 16.99 8.99
C LEU A 243 -5.25 15.58 9.59
N VAL A 244 -4.48 14.66 9.00
CA VAL A 244 -4.50 13.29 9.46
C VAL A 244 -3.28 12.95 10.27
N LEU A 245 -3.51 12.38 11.46
CA LEU A 245 -2.43 11.96 12.33
C LEU A 245 -2.01 10.52 12.00
N VAL A 246 -0.73 10.30 11.77
CA VAL A 246 -0.25 8.96 11.42
C VAL A 246 0.40 8.34 12.64
N ARG A 247 -0.21 7.29 13.16
CA ARG A 247 0.26 6.65 14.37
C ARG A 247 0.88 5.29 14.06
N ILE A 248 2.08 5.06 14.56
CA ILE A 248 2.71 3.77 14.34
C ILE A 248 2.36 2.86 15.51
N LEU A 249 1.33 2.02 15.34
CA LEU A 249 0.90 1.13 16.41
C LEU A 249 1.87 -0.05 16.66
N LYS A 250 2.79 -0.28 15.75
CA LYS A 250 3.68 -1.41 15.90
C LYS A 250 4.68 -1.53 14.74
N CYS A 251 5.93 -1.85 15.07
CA CYS A 251 6.97 -1.99 14.07
C CYS A 251 7.99 -2.95 14.61
N ARG A 252 7.85 -4.18 14.26
CA ARG A 252 8.74 -5.16 14.79
C ARG A 252 10.21 -4.81 14.67
N PHE A 253 10.60 -4.61 13.45
CA PHE A 253 11.95 -4.35 13.11
C PHE A 253 12.58 -3.25 13.94
N THR A 254 11.85 -2.20 14.18
CA THR A 254 12.43 -1.10 14.90
C THR A 254 12.00 -0.98 16.35
N GLY A 255 10.77 -1.38 16.65
CA GLY A 255 10.25 -1.27 18.00
C GLY A 255 9.78 0.16 18.34
N ASP A 256 10.09 1.10 17.44
CA ASP A 256 9.71 2.51 17.58
C ASP A 256 8.24 2.69 17.24
N THR A 257 7.42 2.97 18.25
CA THR A 257 5.99 3.18 18.08
C THR A 257 5.62 4.62 18.38
N GLY A 258 4.34 4.96 18.28
CA GLY A 258 3.97 6.33 18.57
C GLY A 258 3.55 7.04 17.28
N ILE A 259 3.33 8.34 17.40
CA ILE A 259 2.91 9.08 16.25
C ILE A 259 4.09 9.55 15.40
N ALA A 260 4.06 9.15 14.13
CA ALA A 260 5.09 9.47 13.16
C ALA A 260 5.02 10.94 12.70
N GLY A 261 3.80 11.44 12.48
CA GLY A 261 3.61 12.80 12.02
C GLY A 261 2.17 13.08 11.56
N TYR A 262 2.00 14.21 10.87
CA TYR A 262 0.71 14.63 10.38
C TYR A 262 0.71 14.88 8.86
N MET A 263 -0.41 14.56 8.20
CA MET A 263 -0.55 14.77 6.77
C MET A 263 -1.77 15.64 6.55
N GLU A 264 -1.83 16.34 5.43
CA GLU A 264 -2.99 17.18 5.14
C GLU A 264 -3.57 16.75 3.77
N TYR A 265 -4.87 16.44 3.71
CA TYR A 265 -5.46 16.01 2.44
C TYR A 265 -5.79 17.20 1.55
N ASN A 266 -5.28 17.20 0.36
CA ASN A 266 -5.58 18.26 -0.56
C ASN A 266 -6.83 17.86 -1.35
N LYS A 267 -7.98 18.40 -0.96
CA LYS A 267 -9.24 18.05 -1.63
C LYS A 267 -9.27 18.38 -3.15
N GLU A 268 -8.29 19.09 -3.63
CA GLU A 268 -8.24 19.46 -5.03
C GLU A 268 -7.43 18.44 -5.87
N THR A 269 -6.27 18.03 -5.35
CA THR A 269 -5.41 17.07 -6.07
C THR A 269 -5.65 15.63 -5.64
N GLY A 270 -6.20 15.45 -4.44
CA GLY A 270 -6.47 14.14 -3.90
C GLY A 270 -5.23 13.51 -3.23
N TRP A 271 -4.19 14.27 -3.12
CA TRP A 271 -2.98 13.80 -2.50
C TRP A 271 -2.94 14.12 -1.00
N LEU A 272 -2.32 13.24 -0.22
CA LEU A 272 -2.14 13.47 1.19
C LEU A 272 -0.78 14.18 1.28
N GLU A 273 -0.73 15.39 1.83
CA GLU A 273 0.54 16.12 1.87
C GLU A 273 1.10 16.23 3.26
N PRO A 274 2.39 16.40 3.35
CA PRO A 274 3.01 16.54 4.69
C PRO A 274 2.56 17.86 5.35
N SER A 275 2.35 17.81 6.65
CA SER A 275 1.87 18.96 7.37
C SER A 275 2.89 19.50 8.36
N SER A 276 2.87 20.82 8.50
CA SER A 276 3.75 21.52 9.44
C SER A 276 3.08 21.67 10.84
N TYR A 277 2.33 20.65 11.27
CA TYR A 277 1.63 20.70 12.56
C TYR A 277 2.58 20.57 13.78
S SO4 B . -9.88 -18.03 -11.41
O1 SO4 B . -10.82 -18.98 -12.03
O2 SO4 B . -10.39 -17.55 -10.12
O3 SO4 B . -8.55 -18.65 -11.23
O4 SO4 B . -9.73 -16.86 -12.29
S SO4 C . -11.57 11.09 -5.70
O1 SO4 C . -12.20 9.80 -5.35
O2 SO4 C . -12.48 12.17 -5.37
O3 SO4 C . -10.34 11.20 -4.90
O4 SO4 C . -11.25 11.13 -7.13
PG DTP D . -13.39 2.61 3.24
O1G DTP D . -12.66 1.58 2.47
O2G DTP D . -13.68 2.00 4.46
O3G DTP D . -14.68 3.11 2.52
PB DTP D . -10.96 4.50 3.38
O1B DTP D . -10.27 3.68 2.31
O2B DTP D . -10.32 4.70 4.62
O3B DTP D . -12.46 3.95 3.70
PA DTP D . -10.94 6.37 1.15
O1A DTP D . -9.48 6.27 1.11
O2A DTP D . -11.65 5.67 0.12
O3A DTP D . -11.22 5.95 2.70
O5' DTP D . -11.34 7.81 1.09
C5' DTP D . -12.74 8.20 1.01
C4' DTP D . -13.08 9.57 0.40
O4' DTP D . -12.73 10.67 1.27
C3' DTP D . -12.44 9.89 -0.95
O3' DTP D . -13.42 10.32 -1.86
C2' DTP D . -11.39 10.94 -0.67
C1' DTP D . -11.69 11.46 0.73
N9 DTP D . -10.56 11.37 1.64
C8 DTP D . -9.60 10.46 1.94
N7 DTP D . -8.78 10.86 2.86
C5 DTP D . -9.22 12.11 3.19
C6 DTP D . -8.76 13.08 4.12
N6 DTP D . -7.71 12.91 4.92
N1 DTP D . -9.43 14.25 4.21
C2 DTP D . -10.49 14.43 3.41
N3 DTP D . -11.01 13.59 2.51
C4 DTP D . -10.31 12.45 2.44
#